data_7FMS
#
_entry.id   7FMS
#
_cell.length_a   88.181
_cell.length_b   82.069
_cell.length_c   93.499
_cell.angle_alpha   90
_cell.angle_beta   108.28
_cell.angle_gamma   90
#
_symmetry.space_group_name_H-M   'C 1 2 1'
#
loop_
_entity.id
_entity.type
_entity.pdbx_description
1 polymer 'Pre-mRNA-splicing factor 8'
2 polymer 'A1 cistron-splicing factor AAR2'
3 non-polymer '3-aminophenyl dimethylcarbamate'
4 water water
#
loop_
_entity_poly.entity_id
_entity_poly.type
_entity_poly.pdbx_seq_one_letter_code
_entity_poly.pdbx_strand_id
1 'polypeptide(L)'
;GAMNSSNYAELFNNDIKLFVDDTNVYRVTVHKTFEGNVATKAINGCIFTLNPKTGHLFLKIIHTSVWAGQKRLSQLAKWK
TAEEVSALVRSLPKEEQPKQIIVTRKAMLDPLEVHMLDFPNIAIRPTELRLPFSAAMSIDKLSDVVMKATEPQMVLFNIY
DDWLDRISSYTAFSRLTLLLRALKTNEESAKMILLSDPTITIKSYHLWPSFTDEQWITIESQMRDLILTEYGRKYNVNIS
ALTQTEIKDIILGQNIKA
;
A
2 'polypeptide(L)'
;GAMAMNTVPFTSAPIEVTIGIDQYSFNVKENQPFHGIKDIPIGHVHVIHFQHADNSSMRYGYWFDCRMGNFYIQYDPKDG
LYKMMEERDGAKFENIVHNFKERQMMVSYPKIDEDDTWYNLTEFVQMDKIRKIVRKDENQFSYVDSSMTTVQENELSSSS
SDPAHSLNYTVINFKSREAIRPGHEMEDFLDKSYYLNTVMLQGIFKNSSNYFGELQFAFLNAMFFGNYGSSLQWHAMIEL
ICSSATVPKHMLDKLDEILYYQIKTLPEQYSDILLNERVWNICLYSSFQKNSLHNTEKIMENKYPELL
;
B
#
loop_
_chem_comp.id
_chem_comp.type
_chem_comp.name
_chem_comp.formula
VTC non-polymer '3-aminophenyl dimethylcarbamate' 'C9 H12 N2 O2'
#
# COMPACT_ATOMS: atom_id res chain seq x y z
N GLY A 1 8.98 13.00 -4.32
CA GLY A 1 7.68 13.55 -3.95
C GLY A 1 6.94 14.16 -5.13
N ALA A 2 5.88 14.91 -4.85
CA ALA A 2 5.05 15.44 -5.92
C ALA A 2 5.68 16.69 -6.51
N MET A 3 5.53 16.83 -7.82
CA MET A 3 6.16 17.89 -8.58
C MET A 3 5.17 19.04 -8.72
N ASN A 4 5.59 20.26 -8.37
CA ASN A 4 4.66 21.40 -8.29
C ASN A 4 5.40 22.68 -8.67
N SER A 5 4.73 23.83 -8.47
CA SER A 5 5.30 25.11 -8.83
C SER A 5 6.62 25.38 -8.11
N SER A 6 6.76 24.85 -6.89
CA SER A 6 7.91 25.20 -6.06
C SER A 6 9.20 24.61 -6.63
N ASN A 7 9.14 23.40 -7.17
CA ASN A 7 10.35 22.72 -7.65
C ASN A 7 10.34 22.57 -9.17
N TYR A 8 10.01 23.64 -9.87
CA TYR A 8 9.81 23.60 -11.32
C TYR A 8 11.12 23.59 -12.11
N ALA A 9 12.17 24.22 -11.58
CA ALA A 9 13.45 24.25 -12.26
C ALA A 9 14.13 22.89 -12.28
N GLU A 10 13.68 21.95 -11.44
CA GLU A 10 14.28 20.62 -11.43
C GLU A 10 14.09 19.91 -12.77
N LEU A 11 13.03 20.25 -13.48
CA LEU A 11 12.79 19.68 -14.81
C LEU A 11 13.96 19.90 -15.77
N PHE A 12 14.73 20.98 -15.58
CA PHE A 12 15.75 21.36 -16.55
C PHE A 12 17.16 21.20 -16.00
N ASN A 13 17.32 20.43 -14.92
CA ASN A 13 18.66 20.08 -14.48
C ASN A 13 19.14 18.89 -15.31
N ASN A 14 20.30 18.36 -14.94
CA ASN A 14 20.96 17.37 -15.77
C ASN A 14 20.73 15.92 -15.33
N ASP A 15 19.75 15.66 -14.43
CA ASP A 15 19.31 14.32 -14.11
C ASP A 15 18.25 13.93 -15.15
N ILE A 16 18.46 12.83 -15.85
CA ILE A 16 17.51 12.47 -16.89
C ILE A 16 16.15 12.20 -16.27
N LYS A 17 15.09 12.74 -16.87
CA LYS A 17 13.73 12.49 -16.43
C LYS A 17 12.77 12.49 -17.61
N LEU A 18 11.64 11.81 -17.42
CA LEU A 18 10.60 11.70 -18.43
C LEU A 18 9.26 12.00 -17.78
N PHE A 19 8.47 12.81 -18.46
CA PHE A 19 7.05 12.86 -18.20
C PHE A 19 6.36 11.73 -18.95
N VAL A 20 5.36 11.13 -18.34
CA VAL A 20 4.50 10.15 -19.01
C VAL A 20 3.06 10.61 -18.89
N ASP A 21 2.41 10.82 -20.03
CA ASP A 21 0.98 11.11 -20.03
C ASP A 21 0.21 9.99 -20.73
N ASP A 22 -0.81 9.48 -20.05
CA ASP A 22 -1.66 8.36 -20.53
C ASP A 22 -3.04 8.81 -21.01
N THR A 23 -3.29 10.11 -21.07
N THR A 23 -3.28 10.12 -21.14
CA THR A 23 -4.64 10.54 -21.39
CA THR A 23 -4.65 10.60 -21.39
C THR A 23 -5.13 9.91 -22.69
C THR A 23 -5.16 10.25 -22.80
N ASN A 24 -4.28 9.93 -23.73
CA ASN A 24 -4.69 9.55 -25.08
C ASN A 24 -4.41 8.09 -25.41
N VAL A 25 -4.23 7.24 -24.41
CA VAL A 25 -3.90 5.85 -24.66
C VAL A 25 -5.15 5.10 -25.12
N TYR A 26 -6.24 5.20 -24.34
CA TYR A 26 -7.51 4.54 -24.66
C TYR A 26 -8.50 5.62 -25.08
N ARG A 27 -8.86 5.62 -26.37
CA ARG A 27 -9.70 6.65 -26.96
C ARG A 27 -10.89 5.98 -27.63
N VAL A 28 -12.09 6.53 -27.42
CA VAL A 28 -13.31 5.95 -28.01
C VAL A 28 -14.19 7.03 -28.63
N THR A 29 -15.02 6.59 -29.57
CA THR A 29 -16.22 7.34 -29.94
C THR A 29 -17.40 6.56 -29.40
N VAL A 30 -18.37 7.28 -28.83
CA VAL A 30 -19.59 6.68 -28.27
C VAL A 30 -20.70 6.88 -29.29
N HIS A 31 -21.43 5.81 -29.59
CA HIS A 31 -22.48 5.86 -30.61
C HIS A 31 -23.66 4.98 -30.22
N LYS A 32 -24.78 5.20 -30.93
CA LYS A 32 -25.98 4.38 -30.76
C LYS A 32 -25.90 3.11 -31.61
N THR A 33 -26.43 2.03 -31.07
CA THR A 33 -26.61 0.78 -31.80
C THR A 33 -27.97 0.75 -32.50
N PHE A 34 -28.12 -0.17 -33.45
CA PHE A 34 -29.38 -0.27 -34.18
C PHE A 34 -30.55 -0.45 -33.24
N GLU A 35 -30.34 -1.19 -32.15
CA GLU A 35 -31.37 -1.38 -31.12
C GLU A 35 -31.58 -0.14 -30.27
N GLY A 36 -30.83 0.94 -30.52
CA GLY A 36 -30.94 2.14 -29.71
C GLY A 36 -30.15 2.13 -28.42
N ASN A 37 -29.27 1.15 -28.21
CA ASN A 37 -28.39 1.17 -27.06
C ASN A 37 -27.15 1.96 -27.41
N VAL A 38 -26.25 2.12 -26.45
CA VAL A 38 -25.02 2.86 -26.68
C VAL A 38 -23.85 1.89 -26.64
N ALA A 39 -22.89 2.12 -27.51
CA ALA A 39 -21.66 1.36 -27.62
C ALA A 39 -20.50 2.30 -27.87
N THR A 40 -19.30 1.81 -27.57
CA THR A 40 -18.07 2.52 -27.86
C THR A 40 -17.37 1.81 -29.01
N LYS A 41 -16.71 2.59 -29.85
CA LYS A 41 -15.74 2.10 -30.83
C LYS A 41 -14.40 2.76 -30.50
N ALA A 42 -13.39 1.94 -30.26
CA ALA A 42 -12.06 2.47 -29.97
C ALA A 42 -11.37 2.98 -31.23
N ILE A 43 -10.51 3.99 -31.06
CA ILE A 43 -9.64 4.44 -32.12
C ILE A 43 -8.21 4.42 -31.60
N ASN A 44 -7.26 4.53 -32.51
CA ASN A 44 -5.86 4.43 -32.11
C ASN A 44 -5.53 5.48 -31.07
N GLY A 45 -4.68 5.11 -30.12
CA GLY A 45 -4.14 6.08 -29.16
C GLY A 45 -2.64 6.14 -29.10
N CYS A 46 -2.11 6.80 -28.06
CA CYS A 46 -0.68 6.96 -27.95
C CYS A 46 -0.32 7.25 -26.51
N ILE A 47 0.84 6.73 -26.10
CA ILE A 47 1.52 7.18 -24.89
C ILE A 47 2.41 8.36 -25.23
N PHE A 48 2.36 9.43 -24.42
CA PHE A 48 3.15 10.64 -24.61
C PHE A 48 4.23 10.62 -23.54
N THR A 49 5.47 10.36 -23.93
CA THR A 49 6.62 10.21 -23.02
C THR A 49 7.66 11.21 -23.46
N LEU A 50 7.94 12.20 -22.60
CA LEU A 50 8.65 13.40 -23.02
C LEU A 50 9.83 13.68 -22.08
N ASN A 51 11.05 13.83 -22.62
CA ASN A 51 12.23 14.24 -21.84
C ASN A 51 12.13 15.73 -21.94
N PRO A 52 11.71 16.64 -20.81
CA PRO A 52 11.51 18.09 -20.88
C PRO A 52 12.77 18.86 -21.10
N LYS A 53 13.94 18.27 -20.81
CA LYS A 53 15.21 18.99 -21.00
C LYS A 53 15.64 18.97 -22.46
N THR A 54 15.48 17.85 -23.15
CA THR A 54 15.96 17.73 -24.54
C THR A 54 14.83 17.92 -25.55
N GLY A 55 13.58 17.72 -25.19
CA GLY A 55 12.48 17.73 -26.16
C GLY A 55 12.35 16.39 -26.81
N HIS A 56 13.04 15.37 -26.35
CA HIS A 56 12.97 14.04 -26.97
C HIS A 56 11.59 13.45 -26.66
N LEU A 57 10.74 13.25 -27.66
CA LEU A 57 9.43 12.63 -27.49
C LEU A 57 9.48 11.19 -28.04
N PHE A 58 9.18 10.19 -27.21
CA PHE A 58 8.96 8.78 -27.56
C PHE A 58 7.44 8.62 -27.64
N LEU A 59 6.85 8.60 -28.83
CA LEU A 59 5.37 8.53 -28.99
C LEU A 59 5.00 7.08 -29.35
N LYS A 60 4.60 6.28 -28.37
CA LYS A 60 4.21 4.88 -28.57
C LYS A 60 2.77 4.90 -29.02
N ILE A 61 2.56 4.46 -30.26
CA ILE A 61 1.21 4.36 -30.81
C ILE A 61 0.54 3.08 -30.32
N ILE A 62 -0.68 3.22 -29.80
CA ILE A 62 -1.47 2.12 -29.26
C ILE A 62 -2.53 1.78 -30.29
N HIS A 63 -2.35 0.65 -30.95
CA HIS A 63 -3.28 0.25 -31.98
C HIS A 63 -4.49 -0.44 -31.36
N THR A 64 -5.67 -0.24 -31.95
CA THR A 64 -6.92 -0.69 -31.36
C THR A 64 -6.94 -2.20 -31.15
N SER A 65 -6.11 -2.94 -31.88
CA SER A 65 -6.07 -4.39 -31.73
C SER A 65 -5.66 -4.78 -30.31
N VAL A 66 -4.95 -3.93 -29.59
N VAL A 66 -4.93 -3.92 -29.61
CA VAL A 66 -4.54 -4.30 -28.25
CA VAL A 66 -4.56 -4.17 -28.22
C VAL A 66 -5.72 -4.37 -27.28
C VAL A 66 -5.78 -4.50 -27.38
N TRP A 67 -6.88 -3.82 -27.65
CA TRP A 67 -8.06 -3.92 -26.81
C TRP A 67 -8.98 -5.09 -27.19
N ALA A 68 -8.71 -5.79 -28.27
CA ALA A 68 -9.64 -6.84 -28.73
C ALA A 68 -9.82 -7.90 -27.66
N GLY A 69 -11.08 -8.15 -27.27
CA GLY A 69 -11.37 -9.23 -26.33
C GLY A 69 -10.97 -8.96 -24.90
N GLN A 70 -10.66 -7.72 -24.55
CA GLN A 70 -10.28 -7.37 -23.20
C GLN A 70 -11.42 -6.67 -22.51
N LYS A 71 -11.44 -6.79 -21.19
CA LYS A 71 -12.42 -6.16 -20.31
C LYS A 71 -11.77 -5.03 -19.55
N ARG A 72 -12.61 -4.18 -18.94
CA ARG A 72 -12.18 -3.08 -18.09
C ARG A 72 -11.04 -2.27 -18.75
N LEU A 73 -11.35 -1.71 -19.93
CA LEU A 73 -10.28 -1.16 -20.77
C LEU A 73 -9.64 0.08 -20.14
N SER A 74 -10.40 0.93 -19.46
CA SER A 74 -9.77 2.10 -18.83
C SER A 74 -8.73 1.67 -17.81
N GLN A 75 -8.98 0.58 -17.09
CA GLN A 75 -8.00 0.07 -16.14
C GLN A 75 -6.82 -0.59 -16.86
N LEU A 76 -7.12 -1.42 -17.88
CA LEU A 76 -6.05 -2.04 -18.64
C LEU A 76 -5.14 -1.00 -19.29
N ALA A 77 -5.72 0.11 -19.75
CA ALA A 77 -4.93 1.16 -20.39
C ALA A 77 -3.80 1.65 -19.51
N LYS A 78 -4.07 1.77 -18.21
CA LYS A 78 -3.01 2.25 -17.32
C LYS A 78 -1.88 1.24 -17.20
N TRP A 79 -2.21 -0.05 -17.10
CA TRP A 79 -1.20 -1.11 -17.06
C TRP A 79 -0.48 -1.31 -18.38
N LYS A 80 -1.18 -1.23 -19.51
CA LYS A 80 -0.53 -1.20 -20.81
C LYS A 80 0.47 -0.05 -20.93
N THR A 81 0.06 1.15 -20.50
CA THR A 81 0.99 2.29 -20.46
C THR A 81 2.25 1.94 -19.67
N ALA A 82 2.05 1.44 -18.44
CA ALA A 82 3.18 1.11 -17.59
C ALA A 82 4.06 0.03 -18.21
N GLU A 83 3.46 -0.98 -18.86
CA GLU A 83 4.25 -2.01 -19.53
C GLU A 83 5.12 -1.42 -20.64
N GLU A 84 4.54 -0.54 -21.45
CA GLU A 84 5.28 0.08 -22.55
C GLU A 84 6.40 1.01 -22.06
N VAL A 85 6.13 1.82 -21.02
CA VAL A 85 7.17 2.67 -20.43
C VAL A 85 8.32 1.82 -19.89
N SER A 86 8.00 0.72 -19.20
N SER A 86 7.98 0.74 -19.17
CA SER A 86 9.08 -0.12 -18.67
CA SER A 86 8.99 -0.19 -18.66
C SER A 86 9.83 -0.83 -19.80
C SER A 86 9.81 -0.78 -19.81
N ALA A 87 9.14 -1.25 -20.87
CA ALA A 87 9.86 -1.77 -22.03
C ALA A 87 10.77 -0.72 -22.66
N LEU A 88 10.32 0.52 -22.71
CA LEU A 88 11.14 1.60 -23.25
C LEU A 88 12.38 1.80 -22.40
N VAL A 89 12.21 1.89 -21.08
CA VAL A 89 13.39 2.07 -20.24
C VAL A 89 14.36 0.91 -20.41
N ARG A 90 13.87 -0.32 -20.45
CA ARG A 90 14.79 -1.47 -20.59
C ARG A 90 15.54 -1.46 -21.91
N SER A 91 14.93 -0.89 -22.96
CA SER A 91 15.58 -0.78 -24.27
C SER A 91 16.66 0.28 -24.30
N LEU A 92 16.70 1.23 -23.32
CA LEU A 92 17.70 2.28 -23.40
C LEU A 92 18.98 1.80 -22.74
N PRO A 93 20.13 2.23 -23.25
CA PRO A 93 21.38 2.04 -22.48
C PRO A 93 21.28 2.61 -21.08
N LYS A 94 22.02 2.00 -20.16
CA LYS A 94 21.97 2.41 -18.76
C LYS A 94 22.14 3.92 -18.62
N GLU A 95 23.11 4.50 -19.33
CA GLU A 95 23.41 5.91 -19.17
C GLU A 95 22.34 6.81 -19.78
N GLU A 96 21.36 6.24 -20.48
CA GLU A 96 20.23 7.00 -20.99
C GLU A 96 18.95 6.73 -20.21
N GLN A 97 18.93 5.78 -19.30
CA GLN A 97 17.70 5.55 -18.56
C GLN A 97 17.41 6.72 -17.62
N PRO A 98 16.13 7.03 -17.40
CA PRO A 98 15.80 8.16 -16.53
C PRO A 98 16.08 7.83 -15.09
N LYS A 99 16.40 8.86 -14.32
N LYS A 99 16.40 8.87 -14.32
CA LYS A 99 16.46 8.74 -12.87
CA LYS A 99 16.47 8.73 -12.87
C LYS A 99 15.11 8.93 -12.21
C LYS A 99 15.13 8.98 -12.20
N GLN A 100 14.20 9.66 -12.87
CA GLN A 100 12.85 9.89 -12.40
C GLN A 100 11.87 9.75 -13.57
N ILE A 101 10.69 9.25 -13.27
CA ILE A 101 9.55 9.28 -14.22
C ILE A 101 8.43 9.99 -13.51
N ILE A 102 7.96 11.10 -14.09
CA ILE A 102 6.85 11.86 -13.55
C ILE A 102 5.58 11.57 -14.36
N VAL A 103 4.54 11.08 -13.69
CA VAL A 103 3.28 10.73 -14.34
C VAL A 103 2.34 11.92 -14.19
N THR A 104 1.62 12.24 -15.25
CA THR A 104 0.71 13.37 -15.16
C THR A 104 -0.60 13.05 -14.45
N ARG A 105 -0.95 11.77 -14.25
CA ARG A 105 -2.15 11.39 -13.50
C ARG A 105 -1.79 10.38 -12.43
N LYS A 106 -2.32 10.60 -11.21
CA LYS A 106 -1.90 9.80 -10.06
C LYS A 106 -2.27 8.33 -10.22
N ALA A 107 -3.31 8.04 -11.00
CA ALA A 107 -3.71 6.65 -11.21
C ALA A 107 -2.63 5.83 -11.92
N MET A 108 -1.63 6.48 -12.52
CA MET A 108 -0.53 5.76 -13.12
C MET A 108 0.56 5.37 -12.12
N LEU A 109 0.48 5.83 -10.87
CA LEU A 109 1.60 5.59 -9.95
C LEU A 109 1.76 4.09 -9.67
N ASP A 110 0.68 3.42 -9.25
CA ASP A 110 0.86 2.05 -8.86
C ASP A 110 1.17 1.16 -10.07
N PRO A 111 0.48 1.34 -11.20
CA PRO A 111 0.86 0.50 -12.35
C PRO A 111 2.31 0.69 -12.77
N LEU A 112 2.82 1.92 -12.83
CA LEU A 112 4.21 2.10 -13.22
C LEU A 112 5.15 1.55 -12.15
N GLU A 113 4.84 1.83 -10.88
CA GLU A 113 5.70 1.31 -9.82
C GLU A 113 5.83 -0.21 -9.88
N VAL A 114 4.74 -0.93 -10.11
CA VAL A 114 4.82 -2.39 -10.15
C VAL A 114 5.62 -2.85 -11.36
N HIS A 115 5.40 -2.21 -12.51
CA HIS A 115 6.19 -2.58 -13.68
C HIS A 115 7.66 -2.23 -13.57
N MET A 116 8.02 -1.27 -12.72
CA MET A 116 9.41 -0.85 -12.60
C MET A 116 10.09 -1.41 -11.35
N LEU A 117 9.55 -2.52 -10.78
CA LEU A 117 10.16 -3.05 -9.55
C LEU A 117 11.61 -3.43 -9.77
N ASP A 118 11.95 -3.82 -11.00
CA ASP A 118 13.31 -4.14 -11.40
C ASP A 118 14.25 -2.95 -11.34
N PHE A 119 13.71 -1.72 -11.23
CA PHE A 119 14.48 -0.48 -11.29
C PHE A 119 14.24 0.32 -10.01
N PRO A 120 14.75 -0.15 -8.87
CA PRO A 120 14.46 0.52 -7.60
C PRO A 120 15.06 1.92 -7.49
N ASN A 121 16.09 2.24 -8.24
CA ASN A 121 16.71 3.56 -8.23
C ASN A 121 16.08 4.54 -9.22
N ILE A 122 14.95 4.19 -9.85
CA ILE A 122 14.18 5.13 -10.66
C ILE A 122 12.99 5.60 -9.84
N ALA A 123 12.94 6.89 -9.52
CA ALA A 123 11.81 7.45 -8.77
C ALA A 123 10.58 7.67 -9.64
N ILE A 124 9.45 7.12 -9.21
CA ILE A 124 8.16 7.37 -9.86
C ILE A 124 7.44 8.46 -9.05
N ARG A 125 7.12 9.57 -9.69
CA ARG A 125 6.60 10.74 -9.02
C ARG A 125 5.31 11.24 -9.68
N PRO A 126 4.37 11.71 -8.86
CA PRO A 126 3.27 12.51 -9.42
C PRO A 126 3.59 13.99 -9.56
N THR A 127 2.60 14.73 -10.03
CA THR A 127 2.73 16.17 -10.13
C THR A 127 1.42 16.83 -9.75
N GLU A 128 1.54 18.04 -9.17
N GLU A 128 1.52 18.04 -9.18
CA GLU A 128 0.42 18.92 -8.88
CA GLU A 128 0.33 18.86 -8.94
C GLU A 128 0.08 19.84 -10.06
C GLU A 128 0.06 19.81 -10.10
N LEU A 129 0.97 19.93 -11.04
CA LEU A 129 0.72 20.74 -12.23
C LEU A 129 -0.36 20.12 -13.11
N ARG A 130 -1.17 21.00 -13.71
CA ARG A 130 -2.25 20.60 -14.61
C ARG A 130 -1.69 20.73 -16.02
N LEU A 131 -0.88 19.72 -16.43
CA LEU A 131 -0.12 19.90 -17.67
C LEU A 131 -0.98 19.54 -18.88
N PRO A 132 -0.87 20.30 -19.95
CA PRO A 132 -1.85 20.17 -21.04
C PRO A 132 -1.45 19.16 -22.09
N PHE A 133 -0.81 18.05 -21.68
CA PHE A 133 -0.28 17.14 -22.69
C PHE A 133 -1.37 16.39 -23.45
N SER A 134 -2.61 16.33 -23.11
CA SER A 134 -3.51 15.58 -24.04
C SER A 134 -3.49 16.21 -25.44
N ALA A 135 -3.35 17.54 -25.46
CA ALA A 135 -3.47 18.46 -26.61
C ALA A 135 -2.45 18.26 -27.73
N ALA A 136 -1.43 17.42 -27.63
CA ALA A 136 -0.60 17.09 -28.81
C ALA A 136 -1.54 16.57 -29.91
N MET A 137 -2.39 15.57 -29.64
CA MET A 137 -3.32 14.89 -30.60
C MET A 137 -4.14 15.89 -31.45
N SER A 138 -4.25 17.19 -31.13
CA SER A 138 -4.90 18.20 -32.01
C SER A 138 -3.99 18.79 -33.10
N ILE A 139 -2.73 18.44 -33.15
CA ILE A 139 -1.76 18.90 -34.17
C ILE A 139 -2.02 17.89 -35.29
N ASP A 140 -2.42 18.33 -36.49
CA ASP A 140 -2.86 17.44 -37.58
C ASP A 140 -1.81 16.35 -37.80
N LYS A 141 -0.54 16.70 -37.95
CA LYS A 141 0.55 15.72 -38.20
C LYS A 141 0.61 14.64 -37.11
N LEU A 142 0.30 14.97 -35.87
CA LEU A 142 0.26 14.01 -34.77
C LEU A 142 -1.02 13.20 -34.87
N SER A 143 -2.17 13.84 -35.10
CA SER A 143 -3.52 13.23 -35.32
C SER A 143 -3.37 12.12 -36.37
N ASP A 144 -2.60 12.40 -37.44
CA ASP A 144 -2.24 11.54 -38.58
C ASP A 144 -1.22 10.42 -38.25
N VAL A 145 0.03 10.50 -37.62
CA VAL A 145 0.77 9.25 -37.54
C VAL A 145 0.01 8.25 -36.66
N VAL A 146 -0.66 8.75 -35.60
CA VAL A 146 -1.46 7.85 -34.75
C VAL A 146 -2.63 7.23 -35.55
N MET A 147 -3.38 8.09 -36.25
N MET A 147 -3.40 8.07 -36.24
N MET A 147 -3.41 8.06 -36.24
CA MET A 147 -4.60 7.63 -36.94
CA MET A 147 -4.60 7.57 -36.93
CA MET A 147 -4.60 7.52 -36.91
C MET A 147 -4.30 6.69 -38.10
C MET A 147 -4.25 6.61 -38.07
C MET A 147 -4.24 6.59 -38.07
N LYS A 148 -3.13 6.83 -38.75
CA LYS A 148 -2.74 5.98 -39.86
C LYS A 148 -2.11 4.66 -39.43
N ALA A 149 -1.75 4.49 -38.16
CA ALA A 149 -1.05 3.27 -37.78
C ALA A 149 -1.94 2.05 -37.95
N THR A 150 -1.36 1.00 -38.54
CA THR A 150 -2.03 -0.28 -38.73
C THR A 150 -1.52 -1.36 -37.79
N GLU A 151 -0.52 -1.04 -36.97
CA GLU A 151 0.10 -1.96 -36.02
C GLU A 151 0.75 -1.12 -34.93
N PRO A 152 1.05 -1.71 -33.78
CA PRO A 152 1.86 -1.00 -32.77
C PRO A 152 3.14 -0.43 -33.37
N GLN A 153 3.50 0.79 -32.95
CA GLN A 153 4.61 1.49 -33.56
C GLN A 153 5.09 2.55 -32.57
N MET A 154 6.40 2.68 -32.43
CA MET A 154 7.02 3.82 -31.73
C MET A 154 7.54 4.80 -32.75
N VAL A 155 7.12 6.10 -32.65
CA VAL A 155 7.51 7.24 -33.54
C VAL A 155 8.35 8.24 -32.72
N LEU A 156 9.58 8.57 -33.13
CA LEU A 156 10.53 9.44 -32.39
C LEU A 156 10.52 10.87 -32.95
N PHE A 157 10.36 11.89 -32.10
CA PHE A 157 10.34 13.32 -32.48
C PHE A 157 11.10 14.11 -31.42
N ASN A 158 11.52 15.32 -31.78
CA ASN A 158 11.93 16.39 -30.87
C ASN A 158 10.70 17.30 -30.89
N ILE A 159 9.96 17.48 -29.77
CA ILE A 159 8.75 18.33 -29.72
C ILE A 159 9.10 19.82 -29.72
N TYR A 160 10.34 20.18 -29.48
CA TYR A 160 10.80 21.56 -29.53
C TYR A 160 11.33 21.99 -30.90
N ASP A 161 11.18 21.17 -31.93
CA ASP A 161 11.84 21.41 -33.22
C ASP A 161 13.29 21.81 -32.96
N ASP A 162 13.75 22.94 -33.50
CA ASP A 162 15.13 23.41 -33.34
C ASP A 162 15.24 24.52 -32.30
N TRP A 163 14.22 24.67 -31.43
CA TRP A 163 14.21 25.83 -30.54
C TRP A 163 15.44 25.88 -29.64
N LEU A 164 15.96 24.73 -29.20
CA LEU A 164 17.05 24.73 -28.23
C LEU A 164 18.33 25.34 -28.79
N ASP A 165 18.44 25.51 -30.11
CA ASP A 165 19.57 26.25 -30.68
C ASP A 165 19.53 27.70 -30.26
N ARG A 166 18.35 28.22 -29.93
CA ARG A 166 18.25 29.64 -29.59
C ARG A 166 17.73 29.96 -28.19
N ILE A 167 17.04 29.04 -27.52
CA ILE A 167 16.47 29.29 -26.20
C ILE A 167 16.83 28.15 -25.28
N SER A 168 16.66 28.40 -23.99
CA SER A 168 16.91 27.38 -22.98
C SER A 168 15.74 26.38 -22.91
N SER A 169 16.03 25.22 -22.32
N SER A 169 15.98 25.23 -22.27
CA SER A 169 14.98 24.23 -22.06
CA SER A 169 14.92 24.24 -22.12
C SER A 169 13.84 24.86 -21.29
C SER A 169 13.83 24.74 -21.19
N TYR A 170 14.15 25.64 -20.26
CA TYR A 170 13.09 26.20 -19.45
C TYR A 170 12.15 27.00 -20.34
N THR A 171 12.71 27.82 -21.23
CA THR A 171 11.90 28.67 -22.09
C THR A 171 11.15 27.83 -23.11
N ALA A 172 11.80 26.80 -23.65
CA ALA A 172 11.15 25.90 -24.61
C ALA A 172 9.98 25.16 -23.98
N PHE A 173 10.16 24.63 -22.77
CA PHE A 173 9.04 23.99 -22.09
C PHE A 173 7.91 24.96 -21.85
N SER A 174 8.23 26.18 -21.44
CA SER A 174 7.18 27.17 -21.20
C SER A 174 6.43 27.50 -22.50
N ARG A 175 7.16 27.61 -23.61
CA ARG A 175 6.49 27.80 -24.90
C ARG A 175 5.60 26.61 -25.24
N LEU A 176 6.10 25.41 -25.02
CA LEU A 176 5.32 24.22 -25.36
C LEU A 176 4.03 24.17 -24.57
N THR A 177 4.14 24.40 -23.24
CA THR A 177 2.98 24.31 -22.37
C THR A 177 1.97 25.40 -22.72
N LEU A 178 2.45 26.59 -23.12
CA LEU A 178 1.52 27.63 -23.55
C LEU A 178 0.80 27.25 -24.85
N LEU A 179 1.53 26.75 -25.84
CA LEU A 179 0.90 26.32 -27.09
C LEU A 179 -0.14 25.24 -26.85
N LEU A 180 0.21 24.26 -26.00
CA LEU A 180 -0.71 23.15 -25.74
C LEU A 180 -1.90 23.57 -24.88
N ARG A 181 -1.68 24.42 -23.88
CA ARG A 181 -2.81 24.97 -23.14
C ARG A 181 -3.79 25.65 -24.09
N ALA A 182 -3.21 26.35 -25.09
CA ALA A 182 -3.92 27.14 -26.13
C ALA A 182 -4.72 26.21 -27.04
N LEU A 183 -4.05 25.15 -27.52
CA LEU A 183 -4.56 24.07 -28.40
C LEU A 183 -5.57 23.18 -27.66
N LYS A 184 -5.64 23.22 -26.32
CA LYS A 184 -6.69 22.55 -25.47
C LYS A 184 -7.98 23.36 -25.55
N THR A 185 -7.75 24.72 -24.83
N THR A 185 -7.74 24.72 -24.87
CA THR A 185 -8.87 25.56 -24.44
CA THR A 185 -8.83 25.58 -24.44
C THR A 185 -9.74 25.93 -25.63
C THR A 185 -9.71 25.99 -25.62
N ASN A 186 -9.11 26.19 -26.79
CA ASN A 186 -9.87 26.53 -28.00
C ASN A 186 -9.02 26.11 -29.21
N GLU A 187 -9.17 24.88 -29.70
CA GLU A 187 -8.42 24.32 -30.85
C GLU A 187 -8.56 25.23 -32.08
N GLU A 188 -9.77 25.56 -32.52
CA GLU A 188 -10.01 26.37 -33.76
C GLU A 188 -9.35 27.75 -33.64
N SER A 189 -9.72 28.61 -32.71
CA SER A 189 -9.11 29.97 -32.62
C SER A 189 -7.60 29.91 -32.32
N ALA A 190 -7.04 28.85 -31.70
CA ALA A 190 -5.58 28.67 -31.50
C ALA A 190 -4.92 28.07 -32.74
N LYS A 191 -5.71 27.45 -33.65
CA LYS A 191 -5.16 26.89 -34.92
C LYS A 191 -4.94 28.07 -35.86
N MET A 192 -5.69 29.12 -35.67
CA MET A 192 -5.51 30.37 -36.48
CA MET A 192 -5.48 30.33 -36.54
C MET A 192 -4.17 31.16 -36.34
N ILE A 193 -3.77 31.20 -35.06
CA ILE A 193 -2.58 31.91 -34.53
C ILE A 193 -1.31 31.35 -35.15
N LEU A 194 -1.19 30.03 -35.23
CA LEU A 194 0.00 29.33 -35.77
C LEU A 194 0.11 29.40 -37.30
N LEU A 195 -0.93 29.08 -38.09
CA LEU A 195 -0.79 29.09 -39.58
C LEU A 195 -1.84 29.94 -40.35
N SER A 196 -2.51 30.97 -39.81
CA SER A 196 -3.45 31.83 -40.60
C SER A 196 -2.66 32.77 -41.53
N ASP A 197 -1.35 32.92 -41.32
CA ASP A 197 -0.49 33.66 -42.24
C ASP A 197 0.21 32.66 -43.17
N PRO A 198 -0.12 32.59 -44.49
CA PRO A 198 0.54 31.64 -45.43
C PRO A 198 2.04 31.67 -45.80
N THR A 199 2.86 32.54 -45.22
CA THR A 199 4.29 32.64 -45.55
C THR A 199 5.19 31.98 -44.53
N ILE A 200 4.68 31.63 -43.36
CA ILE A 200 5.45 30.94 -42.33
C ILE A 200 5.05 29.48 -42.40
N THR A 201 5.99 28.60 -42.70
CA THR A 201 5.68 27.18 -42.85
C THR A 201 6.55 26.35 -41.90
N ILE A 202 6.15 25.11 -41.74
CA ILE A 202 6.85 24.14 -40.86
C ILE A 202 7.81 23.41 -41.76
N LYS A 203 9.00 23.10 -41.28
CA LYS A 203 9.91 22.28 -42.10
C LYS A 203 9.27 20.90 -42.08
N SER A 204 9.56 20.09 -43.10
CA SER A 204 9.11 18.70 -43.20
C SER A 204 9.47 17.92 -41.94
N TYR A 205 10.60 18.25 -41.33
CA TYR A 205 11.09 17.52 -40.16
C TYR A 205 10.71 18.18 -38.82
N HIS A 206 9.59 18.92 -38.69
CA HIS A 206 9.21 19.72 -37.48
C HIS A 206 7.68 19.68 -37.20
N LEU A 207 7.25 20.06 -35.98
CA LEU A 207 5.83 20.18 -35.58
C LEU A 207 5.36 21.63 -35.55
N TRP A 208 6.26 22.59 -35.45
CA TRP A 208 5.83 24.00 -35.34
C TRP A 208 6.38 24.86 -36.49
N PRO A 209 5.77 25.99 -36.90
CA PRO A 209 6.35 26.84 -37.94
C PRO A 209 7.79 27.31 -37.71
N SER A 210 8.47 27.81 -38.72
CA SER A 210 9.79 28.43 -38.50
C SER A 210 9.61 29.88 -38.03
N PHE A 211 8.84 30.19 -36.96
CA PHE A 211 8.76 31.58 -36.54
C PHE A 211 10.13 32.12 -36.19
N THR A 212 10.39 33.38 -36.59
CA THR A 212 11.51 34.10 -36.01
C THR A 212 11.26 34.36 -34.54
N ASP A 213 12.34 34.78 -33.86
CA ASP A 213 12.23 35.17 -32.45
C ASP A 213 11.14 36.20 -32.22
N GLU A 214 11.02 37.18 -33.11
CA GLU A 214 10.05 38.25 -32.92
C GLU A 214 8.63 37.75 -33.16
N GLN A 215 8.48 36.89 -34.17
CA GLN A 215 7.19 36.28 -34.43
C GLN A 215 6.77 35.36 -33.29
N TRP A 216 7.71 34.69 -32.63
CA TRP A 216 7.34 33.87 -31.47
C TRP A 216 6.77 34.72 -30.35
N ILE A 217 7.33 35.92 -30.14
CA ILE A 217 6.79 36.78 -29.11
C ILE A 217 5.35 37.17 -29.45
N THR A 218 5.13 37.58 -30.70
CA THR A 218 3.77 37.87 -31.13
C THR A 218 2.88 36.66 -30.92
N ILE A 219 3.32 35.51 -31.41
CA ILE A 219 2.53 34.29 -31.31
C ILE A 219 2.24 33.98 -29.86
N GLU A 220 3.27 33.98 -29.02
CA GLU A 220 3.08 33.69 -27.61
C GLU A 220 2.11 34.68 -26.99
N SER A 221 2.20 35.95 -27.40
N SER A 221 2.21 35.96 -27.38
CA SER A 221 1.27 36.95 -26.89
CA SER A 221 1.27 36.96 -26.90
C SER A 221 -0.16 36.62 -27.31
C SER A 221 -0.15 36.60 -27.31
N GLN A 222 -0.34 36.20 -28.56
CA GLN A 222 -1.68 35.87 -29.03
C GLN A 222 -2.25 34.67 -28.28
N MET A 223 -1.39 33.70 -27.93
CA MET A 223 -1.88 32.52 -27.21
C MET A 223 -2.33 32.87 -25.80
N ARG A 224 -1.59 33.75 -25.12
N ARG A 224 -1.61 33.78 -25.12
CA ARG A 224 -2.01 34.21 -23.80
CA ARG A 224 -2.03 34.19 -23.79
C ARG A 224 -3.36 34.91 -23.87
C ARG A 224 -3.34 34.96 -23.82
N ASP A 225 -3.52 35.82 -24.84
CA ASP A 225 -4.81 36.46 -25.03
CA ASP A 225 -4.81 36.46 -25.06
C ASP A 225 -5.93 35.42 -25.16
N LEU A 226 -5.75 34.44 -26.05
CA LEU A 226 -6.74 33.38 -26.22
C LEU A 226 -7.08 32.74 -24.89
N ILE A 227 -6.07 32.33 -24.13
CA ILE A 227 -6.31 31.61 -22.89
C ILE A 227 -7.07 32.47 -21.90
N LEU A 228 -6.69 33.75 -21.79
CA LEU A 228 -7.39 34.66 -20.88
C LEU A 228 -8.84 34.85 -21.32
N THR A 229 -9.06 35.15 -22.60
CA THR A 229 -10.41 35.29 -23.13
C THR A 229 -11.26 34.09 -22.79
N GLU A 230 -10.98 32.95 -23.43
CA GLU A 230 -11.75 31.72 -23.21
C GLU A 230 -12.08 31.54 -21.74
N TYR A 231 -11.17 32.00 -20.87
CA TYR A 231 -11.42 31.98 -19.44
C TYR A 231 -12.48 32.99 -19.04
N GLY A 232 -12.66 34.04 -19.84
CA GLY A 232 -13.80 34.93 -19.71
C GLY A 232 -15.04 34.35 -20.38
N ARG A 233 -14.98 34.12 -21.70
CA ARG A 233 -16.06 33.43 -22.41
C ARG A 233 -16.60 32.25 -21.61
N LYS A 234 -15.72 31.59 -20.86
CA LYS A 234 -16.15 30.45 -20.04
C LYS A 234 -16.82 30.93 -18.76
N TYR A 235 -16.14 31.78 -17.99
CA TYR A 235 -16.64 32.24 -16.70
C TYR A 235 -17.42 33.55 -16.79
N ASN A 236 -17.48 34.17 -17.97
CA ASN A 236 -18.12 35.47 -18.11
C ASN A 236 -17.47 36.48 -17.17
N VAL A 237 -16.38 37.12 -17.62
CA VAL A 237 -15.68 38.14 -16.85
C VAL A 237 -15.07 39.18 -17.80
N MET B 5 -5.28 -27.87 35.46
CA MET B 5 -5.19 -26.39 35.72
C MET B 5 -3.87 -26.01 36.39
N ASN B 6 -3.14 -25.06 35.82
CA ASN B 6 -1.81 -24.71 36.30
C ASN B 6 -1.80 -23.31 36.92
N THR B 7 -0.64 -22.96 37.46
CA THR B 7 -0.49 -21.82 38.35
C THR B 7 0.76 -21.05 37.95
N VAL B 8 0.68 -19.73 37.98
CA VAL B 8 1.85 -18.87 37.83
C VAL B 8 1.98 -18.05 39.11
N PRO B 9 2.83 -18.47 40.04
CA PRO B 9 2.99 -17.71 41.29
C PRO B 9 3.85 -16.47 41.09
N PHE B 10 3.63 -15.50 41.96
CA PHE B 10 4.41 -14.26 42.03
C PHE B 10 5.21 -14.25 43.33
N THR B 11 6.49 -13.87 43.25
CA THR B 11 7.26 -13.72 44.47
C THR B 11 6.66 -12.65 45.37
N SER B 12 6.27 -11.52 44.79
CA SER B 12 5.67 -10.42 45.52
C SER B 12 5.16 -9.41 44.50
N ALA B 13 4.50 -8.37 45.00
CA ALA B 13 3.99 -7.27 44.17
C ALA B 13 4.46 -5.93 44.73
N PRO B 14 5.74 -5.61 44.56
CA PRO B 14 6.29 -4.40 45.22
C PRO B 14 5.84 -3.09 44.60
N ILE B 15 5.34 -3.09 43.37
CA ILE B 15 4.84 -1.85 42.78
C ILE B 15 3.41 -2.07 42.27
N GLU B 16 2.61 -1.02 42.45
CA GLU B 16 1.24 -0.95 41.99
C GLU B 16 1.17 -1.11 40.48
N VAL B 17 0.34 -2.06 40.04
CA VAL B 17 0.35 -2.53 38.66
C VAL B 17 -1.03 -3.10 38.37
N THR B 18 -1.50 -2.88 37.13
CA THR B 18 -2.64 -3.62 36.58
C THR B 18 -2.10 -4.85 35.88
N ILE B 19 -2.56 -6.01 36.30
CA ILE B 19 -2.13 -7.29 35.75
C ILE B 19 -3.20 -7.82 34.84
N GLY B 20 -2.81 -8.21 33.64
CA GLY B 20 -3.69 -8.90 32.70
C GLY B 20 -3.34 -10.37 32.60
N ILE B 21 -4.36 -11.20 32.44
CA ILE B 21 -4.14 -12.60 32.15
C ILE B 21 -5.15 -12.88 31.06
N ASP B 22 -4.66 -13.14 29.86
CA ASP B 22 -5.48 -13.25 28.68
C ASP B 22 -6.37 -12.01 28.65
N GLN B 23 -7.67 -12.15 28.47
CA GLN B 23 -8.55 -11.00 28.32
C GLN B 23 -9.06 -10.47 29.66
N TYR B 24 -8.60 -10.99 30.79
CA TYR B 24 -8.99 -10.53 32.11
C TYR B 24 -7.91 -9.58 32.66
N SER B 25 -8.29 -8.75 33.62
CA SER B 25 -7.30 -7.85 34.22
C SER B 25 -7.77 -7.44 35.60
N PHE B 26 -6.81 -7.13 36.47
CA PHE B 26 -7.14 -6.75 37.84
C PHE B 26 -6.05 -5.86 38.35
N ASN B 27 -6.37 -5.05 39.36
CA ASN B 27 -5.46 -4.07 39.93
C ASN B 27 -4.80 -4.65 41.17
N VAL B 28 -3.49 -4.44 41.30
CA VAL B 28 -2.76 -4.84 42.50
C VAL B 28 -2.10 -3.61 43.10
N LYS B 29 -2.34 -3.36 44.38
CA LYS B 29 -1.79 -2.17 45.04
C LYS B 29 -0.33 -2.39 45.42
N GLU B 30 0.40 -1.29 45.57
CA GLU B 30 1.79 -1.36 46.03
C GLU B 30 1.91 -2.17 47.32
N ASN B 31 2.71 -3.25 47.26
CA ASN B 31 2.97 -4.13 48.40
C ASN B 31 1.73 -4.87 48.88
N GLN B 32 0.77 -5.08 47.99
CA GLN B 32 -0.39 -5.89 48.34
C GLN B 32 0.02 -7.35 48.40
N PRO B 33 -0.57 -8.14 49.32
CA PRO B 33 -0.17 -9.54 49.47
C PRO B 33 -0.63 -10.46 48.34
N PHE B 34 -0.16 -10.17 47.14
CA PHE B 34 -0.56 -10.90 45.95
C PHE B 34 0.49 -11.91 45.56
N HIS B 35 0.10 -13.19 45.42
CA HIS B 35 1.10 -14.19 45.06
C HIS B 35 0.75 -15.04 43.86
N GLY B 36 -0.13 -14.56 42.98
CA GLY B 36 -0.14 -15.12 41.64
C GLY B 36 -1.53 -15.52 41.18
N ILE B 37 -1.53 -16.31 40.11
CA ILE B 37 -2.73 -16.69 39.38
C ILE B 37 -2.80 -18.20 39.27
N LYS B 38 -3.95 -18.77 39.65
CA LYS B 38 -4.16 -20.21 39.68
C LYS B 38 -5.32 -20.56 38.75
N ASP B 39 -5.53 -21.86 38.54
CA ASP B 39 -6.63 -22.38 37.73
C ASP B 39 -6.52 -21.94 36.26
N ILE B 40 -5.29 -21.77 35.78
CA ILE B 40 -5.09 -21.38 34.38
C ILE B 40 -5.37 -22.56 33.49
N PRO B 41 -6.26 -22.45 32.50
CA PRO B 41 -6.62 -23.62 31.69
C PRO B 41 -5.45 -24.17 30.87
N ILE B 42 -5.29 -25.46 30.98
CA ILE B 42 -4.31 -26.16 30.18
C ILE B 42 -4.85 -26.36 28.76
N GLY B 43 -3.93 -26.28 27.82
CA GLY B 43 -4.25 -26.61 26.44
C GLY B 43 -4.19 -25.42 25.54
N HIS B 44 -3.93 -24.22 26.08
CA HIS B 44 -3.94 -23.00 25.33
C HIS B 44 -2.65 -22.28 25.67
N VAL B 45 -2.21 -21.39 24.77
N VAL B 45 -2.13 -21.49 24.73
CA VAL B 45 -1.13 -20.44 25.07
CA VAL B 45 -1.14 -20.48 25.16
C VAL B 45 -1.73 -19.22 25.73
C VAL B 45 -1.85 -19.45 26.03
N HIS B 46 -1.06 -18.69 26.77
CA HIS B 46 -1.58 -17.61 27.57
C HIS B 46 -0.63 -16.44 27.51
N VAL B 47 -1.12 -15.29 27.93
CA VAL B 47 -0.31 -14.08 28.03
C VAL B 47 -0.59 -13.46 29.38
N ILE B 48 0.46 -13.09 30.10
N ILE B 48 0.46 -13.15 30.13
CA ILE B 48 0.33 -12.34 31.34
CA ILE B 48 0.36 -12.36 31.35
C ILE B 48 1.05 -11.02 31.11
C ILE B 48 1.03 -11.02 31.06
N HIS B 49 0.36 -9.94 31.42
CA HIS B 49 0.81 -8.63 30.98
C HIS B 49 0.56 -7.57 32.03
N PHE B 50 1.30 -6.46 31.87
CA PHE B 50 1.49 -5.54 32.98
C PHE B 50 1.42 -4.11 32.50
N GLN B 51 0.81 -3.25 33.31
CA GLN B 51 0.91 -1.80 33.12
C GLN B 51 1.07 -1.17 34.48
N HIS B 52 2.21 -0.53 34.68
CA HIS B 52 2.47 0.05 35.98
C HIS B 52 1.54 1.24 36.22
N ALA B 53 1.17 1.41 37.49
CA ALA B 53 0.26 2.49 37.86
C ALA B 53 0.92 3.84 37.65
N ASP B 54 2.24 3.91 37.84
CA ASP B 54 2.93 5.20 37.77
C ASP B 54 3.31 5.57 36.36
N ASN B 55 3.53 4.57 35.49
CA ASN B 55 3.98 4.80 34.13
C ASN B 55 3.15 3.93 33.21
N SER B 56 1.98 4.44 32.81
CA SER B 56 1.20 3.77 31.79
C SER B 56 1.99 3.58 30.50
N SER B 57 3.11 4.28 30.35
CA SER B 57 4.00 4.01 29.23
C SER B 57 4.55 2.58 29.35
N MET B 58 4.63 1.89 28.23
N MET B 58 4.59 1.90 28.21
CA MET B 58 5.10 0.51 28.22
CA MET B 58 5.06 0.53 28.09
C MET B 58 4.05 -0.41 28.86
C MET B 58 4.12 -0.44 28.80
N ARG B 59 3.17 -0.96 28.05
CA ARG B 59 2.54 -2.21 28.42
C ARG B 59 3.52 -3.30 28.00
N TYR B 60 3.67 -4.34 28.81
CA TYR B 60 4.57 -5.42 28.46
C TYR B 60 4.03 -6.72 29.04
N GLY B 61 4.55 -7.83 28.59
CA GLY B 61 3.99 -9.09 29.07
C GLY B 61 4.71 -10.30 28.50
N TYR B 62 4.19 -11.49 28.86
CA TYR B 62 4.86 -12.73 28.49
C TYR B 62 3.86 -13.74 27.96
N TRP B 63 4.16 -14.31 26.78
CA TRP B 63 3.45 -15.43 26.20
C TRP B 63 4.06 -16.73 26.72
N PHE B 64 3.22 -17.65 27.18
CA PHE B 64 3.70 -18.90 27.76
C PHE B 64 2.64 -19.99 27.64
N ASP B 65 3.07 -21.22 27.96
CA ASP B 65 2.25 -22.43 27.85
C ASP B 65 2.73 -23.30 29.01
N CYS B 66 1.89 -23.45 30.03
CA CYS B 66 2.24 -24.17 31.24
C CYS B 66 2.64 -25.63 30.98
N ARG B 67 2.33 -26.18 29.82
CA ARG B 67 2.82 -27.52 29.52
C ARG B 67 4.33 -27.54 29.31
N MET B 68 4.95 -26.39 29.05
N MET B 68 4.94 -26.39 29.03
CA MET B 68 6.37 -26.35 28.72
CA MET B 68 6.36 -26.33 28.70
C MET B 68 7.28 -26.03 29.89
C MET B 68 7.26 -26.03 29.89
N GLY B 69 6.72 -25.87 31.08
CA GLY B 69 7.55 -25.66 32.25
C GLY B 69 6.76 -25.02 33.37
N ASN B 70 7.43 -24.88 34.50
CA ASN B 70 6.90 -24.17 35.66
C ASN B 70 7.42 -22.74 35.67
N PHE B 71 6.52 -21.79 35.56
CA PHE B 71 6.90 -20.40 35.38
C PHE B 71 6.33 -19.58 36.52
N TYR B 72 7.09 -18.56 36.92
CA TYR B 72 6.67 -17.64 37.95
C TYR B 72 7.08 -16.22 37.57
N ILE B 73 6.53 -15.24 38.29
CA ILE B 73 6.87 -13.83 38.12
C ILE B 73 7.60 -13.30 39.34
N GLN B 74 8.60 -12.46 39.10
CA GLN B 74 9.38 -11.85 40.15
C GLN B 74 9.74 -10.45 39.71
N TYR B 75 9.42 -9.46 40.53
CA TYR B 75 9.80 -8.08 40.25
C TYR B 75 11.31 -7.93 40.33
N ASP B 76 11.91 -7.27 39.31
CA ASP B 76 13.32 -6.87 39.34
C ASP B 76 13.44 -5.36 39.60
N PRO B 77 13.92 -4.94 40.77
CA PRO B 77 14.02 -3.49 41.07
C PRO B 77 15.11 -2.76 40.30
N LYS B 78 15.99 -3.48 39.64
CA LYS B 78 17.04 -2.82 38.86
C LYS B 78 16.51 -2.43 37.49
N ASP B 79 15.96 -3.43 36.76
CA ASP B 79 15.35 -3.17 35.48
C ASP B 79 13.94 -2.63 35.58
N GLY B 80 13.33 -2.73 36.76
CA GLY B 80 12.07 -2.05 37.00
C GLY B 80 10.89 -2.70 36.31
N LEU B 81 10.91 -4.00 36.17
CA LEU B 81 9.71 -4.64 35.63
C LEU B 81 9.50 -6.00 36.26
N TYR B 82 8.28 -6.49 36.12
CA TYR B 82 7.94 -7.85 36.52
C TYR B 82 8.50 -8.81 35.48
N LYS B 83 9.35 -9.73 35.88
CA LYS B 83 9.97 -10.66 34.93
C LYS B 83 9.42 -12.08 35.10
N MET B 84 9.20 -12.75 33.97
CA MET B 84 8.85 -14.18 34.04
C MET B 84 10.14 -14.96 34.15
N MET B 85 10.12 -16.01 34.96
CA MET B 85 11.26 -16.92 35.10
C MET B 85 10.76 -18.36 35.12
N GLU B 86 11.65 -19.29 34.78
CA GLU B 86 11.36 -20.72 34.88
C GLU B 86 12.01 -21.29 36.13
N GLU B 87 11.25 -22.11 36.86
CA GLU B 87 11.75 -22.83 38.03
C GLU B 87 12.04 -24.25 37.59
N ARG B 88 13.33 -24.64 37.63
CA ARG B 88 13.68 -25.98 37.17
C ARG B 88 13.46 -27.06 38.23
N ASP B 89 13.41 -26.68 39.51
CA ASP B 89 13.24 -27.62 40.61
C ASP B 89 11.75 -27.88 40.84
N GLY B 90 11.27 -29.03 40.38
CA GLY B 90 9.84 -29.28 40.38
C GLY B 90 9.22 -29.33 41.77
N ALA B 91 9.93 -29.92 42.73
CA ALA B 91 9.39 -30.07 44.08
C ALA B 91 9.46 -28.78 44.87
N LYS B 92 10.42 -27.93 44.53
CA LYS B 92 10.40 -26.58 45.06
C LYS B 92 9.16 -25.82 44.59
N PHE B 93 8.86 -25.89 43.29
CA PHE B 93 7.72 -25.18 42.73
C PHE B 93 6.41 -25.64 43.34
N GLU B 94 6.17 -26.97 43.33
CA GLU B 94 4.93 -27.50 43.90
C GLU B 94 4.74 -27.03 45.33
N ASN B 95 5.82 -26.98 46.09
CA ASN B 95 5.74 -26.59 47.50
C ASN B 95 5.41 -25.10 47.61
N ILE B 96 6.00 -24.29 46.74
CA ILE B 96 5.68 -22.87 46.72
C ILE B 96 4.20 -22.67 46.43
N VAL B 97 3.69 -23.33 45.37
CA VAL B 97 2.32 -23.10 44.96
C VAL B 97 1.36 -23.57 46.04
N HIS B 98 1.57 -24.79 46.55
CA HIS B 98 0.66 -25.31 47.56
C HIS B 98 0.57 -24.39 48.78
N ASN B 99 1.69 -23.83 49.24
CA ASN B 99 1.64 -22.88 50.37
C ASN B 99 0.81 -21.64 50.01
N PHE B 100 1.02 -21.07 48.81
CA PHE B 100 0.28 -19.88 48.42
C PHE B 100 -1.21 -20.16 48.22
N LYS B 101 -1.55 -21.34 47.69
CA LYS B 101 -2.96 -21.70 47.59
C LYS B 101 -3.57 -21.89 48.97
N GLU B 102 -2.83 -22.53 49.89
CA GLU B 102 -3.32 -22.71 51.26
C GLU B 102 -3.66 -21.37 51.90
N ARG B 103 -2.80 -20.37 51.72
CA ARG B 103 -3.03 -19.05 52.29
C ARG B 103 -3.91 -18.17 51.41
N GLN B 104 -4.49 -18.75 50.34
CA GLN B 104 -5.44 -18.09 49.45
C GLN B 104 -4.93 -16.73 48.98
N MET B 105 -3.66 -16.69 48.61
CA MET B 105 -3.03 -15.47 48.16
C MET B 105 -2.99 -15.36 46.63
N MET B 106 -3.79 -16.14 45.90
CA MET B 106 -3.78 -16.16 44.45
C MET B 106 -5.16 -15.85 43.89
N VAL B 107 -5.20 -15.15 42.77
CA VAL B 107 -6.45 -14.94 42.05
C VAL B 107 -6.71 -16.15 41.16
N SER B 108 -7.99 -16.39 40.89
CA SER B 108 -8.39 -17.51 40.07
C SER B 108 -8.62 -17.05 38.63
N TYR B 109 -8.01 -17.75 37.69
CA TYR B 109 -8.32 -17.47 36.29
C TYR B 109 -9.83 -17.55 36.12
N PRO B 110 -10.49 -16.48 35.75
CA PRO B 110 -11.93 -16.42 35.97
C PRO B 110 -12.75 -16.78 34.76
N LYS B 111 -12.58 -18.01 34.25
CA LYS B 111 -13.26 -18.42 33.05
C LYS B 111 -14.70 -18.84 33.33
N ILE B 112 -15.61 -18.25 32.57
CA ILE B 112 -17.01 -18.67 32.54
C ILE B 112 -17.13 -19.91 31.67
N ASP B 113 -17.91 -20.88 32.14
CA ASP B 113 -17.86 -22.22 31.54
C ASP B 113 -18.40 -22.21 30.11
N GLU B 114 -19.47 -21.46 29.85
CA GLU B 114 -19.98 -21.29 28.49
C GLU B 114 -19.00 -20.58 27.56
N ASP B 115 -17.94 -19.96 28.09
CA ASP B 115 -17.18 -18.98 27.34
C ASP B 115 -16.03 -19.63 26.58
N ASP B 116 -16.07 -19.54 25.25
CA ASP B 116 -15.00 -20.02 24.37
C ASP B 116 -14.12 -18.87 23.85
N THR B 117 -14.24 -17.66 24.40
CA THR B 117 -13.55 -16.52 23.80
C THR B 117 -12.06 -16.81 23.61
N TRP B 118 -11.37 -17.27 24.65
CA TRP B 118 -9.91 -17.36 24.54
C TRP B 118 -9.52 -18.44 23.53
N TYR B 119 -10.20 -19.59 23.56
CA TYR B 119 -9.99 -20.58 22.53
C TYR B 119 -10.17 -19.97 21.15
N ASN B 120 -11.22 -19.16 20.97
CA ASN B 120 -11.53 -18.65 19.65
C ASN B 120 -10.50 -17.63 19.19
N LEU B 121 -9.85 -16.95 20.12
CA LEU B 121 -8.80 -15.97 19.80
C LEU B 121 -7.44 -16.61 19.57
N THR B 122 -7.22 -17.83 20.07
CA THR B 122 -5.92 -18.47 20.04
C THR B 122 -5.95 -19.84 19.36
N GLU B 123 -7.03 -20.17 18.64
CA GLU B 123 -7.20 -21.49 18.03
C GLU B 123 -5.95 -22.01 17.34
N PHE B 124 -5.30 -21.18 16.52
CA PHE B 124 -4.17 -21.62 15.72
C PHE B 124 -2.84 -21.13 16.25
N VAL B 125 -2.80 -20.52 17.43
CA VAL B 125 -1.57 -19.96 17.98
C VAL B 125 -0.86 -21.07 18.74
N GLN B 126 0.42 -21.27 18.43
N GLN B 126 0.39 -21.33 18.38
CA GLN B 126 1.23 -22.32 19.05
CA GLN B 126 1.24 -22.31 19.06
C GLN B 126 2.53 -21.73 19.57
C GLN B 126 2.44 -21.61 19.65
N MET B 127 2.89 -22.09 20.82
CA MET B 127 4.09 -21.53 21.43
C MET B 127 5.31 -21.65 20.53
N ASP B 128 5.44 -22.77 19.82
CA ASP B 128 6.64 -22.94 19.02
C ASP B 128 6.73 -21.89 17.93
N LYS B 129 5.57 -21.45 17.38
CA LYS B 129 5.62 -20.42 16.35
C LYS B 129 5.85 -19.03 16.94
N ILE B 130 5.29 -18.77 18.13
CA ILE B 130 5.56 -17.53 18.85
C ILE B 130 7.07 -17.37 19.06
N ARG B 131 7.75 -18.46 19.43
CA ARG B 131 9.16 -18.37 19.76
C ARG B 131 10.02 -18.11 18.52
N LYS B 132 9.51 -18.40 17.32
CA LYS B 132 10.25 -18.03 16.11
C LYS B 132 9.99 -16.58 15.70
N ILE B 133 8.82 -16.03 16.03
CA ILE B 133 8.59 -14.61 15.82
C ILE B 133 9.32 -13.78 16.84
N VAL B 134 9.35 -14.23 18.12
CA VAL B 134 10.05 -13.57 19.21
C VAL B 134 11.24 -14.43 19.59
N ARG B 135 12.43 -14.02 19.18
CA ARG B 135 13.64 -14.84 19.31
C ARG B 135 14.32 -14.54 20.65
N LYS B 136 14.25 -15.49 21.57
CA LYS B 136 15.02 -15.45 22.81
C LYS B 136 15.11 -16.87 23.32
N ASP B 137 15.97 -17.65 22.69
CA ASP B 137 15.84 -19.10 22.73
C ASP B 137 16.27 -19.70 24.06
N GLU B 138 16.90 -18.93 24.94
CA GLU B 138 17.19 -19.47 26.28
C GLU B 138 15.95 -19.58 27.16
N ASN B 139 14.84 -18.94 26.78
CA ASN B 139 13.61 -19.03 27.56
C ASN B 139 12.53 -19.77 26.78
N GLN B 140 11.63 -20.40 27.54
CA GLN B 140 10.48 -21.11 27.00
C GLN B 140 9.26 -20.22 26.80
N PHE B 141 9.33 -18.98 27.29
CA PHE B 141 8.26 -18.01 27.24
C PHE B 141 8.79 -16.82 26.43
N SER B 142 7.89 -15.95 25.98
CA SER B 142 8.27 -14.86 25.08
C SER B 142 7.80 -13.50 25.56
N TYR B 143 8.75 -12.55 25.69
CA TYR B 143 8.47 -11.19 26.07
C TYR B 143 8.06 -10.33 24.89
N VAL B 144 7.03 -9.52 25.10
CA VAL B 144 6.57 -8.55 24.10
C VAL B 144 6.17 -7.27 24.84
N ASP B 145 6.37 -6.12 24.17
CA ASP B 145 5.89 -4.85 24.72
C ASP B 145 5.44 -3.87 23.64
N SER B 146 4.94 -2.72 24.08
CA SER B 146 4.30 -1.77 23.17
C SER B 146 5.26 -1.25 22.12
N SER B 147 6.56 -1.09 22.47
CA SER B 147 7.51 -0.42 21.60
C SER B 147 8.24 -1.32 20.63
N MET B 148 8.20 -2.65 20.79
CA MET B 148 8.99 -3.48 19.90
C MET B 148 8.58 -3.30 18.45
N THR B 149 9.57 -3.19 17.57
CA THR B 149 9.33 -3.01 16.16
C THR B 149 9.46 -4.34 15.44
N THR B 150 8.93 -4.37 14.22
CA THR B 150 8.94 -5.57 13.41
C THR B 150 10.08 -5.52 12.41
N VAL B 151 10.48 -6.71 11.95
CA VAL B 151 11.51 -6.82 10.91
C VAL B 151 11.22 -5.88 9.75
N GLN B 152 9.98 -5.88 9.26
CA GLN B 152 9.65 -5.03 8.12
C GLN B 152 9.78 -3.56 8.49
N GLU B 153 9.40 -3.21 9.72
CA GLU B 153 9.57 -1.83 10.17
C GLU B 153 11.04 -1.41 10.18
N ASN B 154 11.94 -2.34 10.54
CA ASN B 154 13.37 -2.03 10.60
C ASN B 154 13.94 -1.76 9.22
N GLU B 155 13.39 -2.39 8.18
CA GLU B 155 13.87 -2.18 6.82
C GLU B 155 13.55 -0.77 6.32
N LEU B 156 12.50 -0.14 6.86
CA LEU B 156 12.03 1.16 6.38
C LEU B 156 12.57 2.29 7.25
N SER B 161 15.73 -0.64 15.77
CA SER B 161 16.80 -1.02 14.86
C SER B 161 17.67 -2.12 15.48
N ASP B 162 17.31 -2.55 16.70
CA ASP B 162 18.04 -3.61 17.39
C ASP B 162 17.49 -4.96 17.00
N PRO B 163 18.21 -5.77 16.20
CA PRO B 163 17.62 -7.03 15.71
C PRO B 163 17.22 -8.00 16.80
N ALA B 164 17.90 -8.00 17.95
CA ALA B 164 17.62 -8.99 19.00
C ALA B 164 16.25 -8.79 19.62
N HIS B 165 15.72 -7.56 19.57
CA HIS B 165 14.49 -7.18 20.25
C HIS B 165 13.34 -6.93 19.27
N SER B 166 13.33 -7.63 18.14
CA SER B 166 12.37 -7.41 17.07
C SER B 166 11.27 -8.47 17.10
N LEU B 167 10.14 -8.14 16.45
CA LEU B 167 9.09 -9.09 16.13
C LEU B 167 9.28 -9.58 14.69
N ASN B 168 9.67 -10.84 14.52
N ASN B 168 9.63 -10.85 14.54
CA ASN B 168 10.03 -11.39 13.22
CA ASN B 168 10.00 -11.45 13.26
C ASN B 168 8.81 -12.00 12.51
C ASN B 168 8.78 -12.02 12.53
N TYR B 169 7.81 -11.14 12.27
CA TYR B 169 6.66 -11.53 11.50
C TYR B 169 7.05 -11.75 10.03
N THR B 170 6.22 -12.49 9.32
CA THR B 170 6.47 -12.74 7.90
C THR B 170 6.25 -11.44 7.14
N VAL B 171 7.25 -11.02 6.36
CA VAL B 171 7.15 -9.78 5.62
C VAL B 171 6.19 -9.96 4.46
N ILE B 172 5.16 -9.11 4.40
CA ILE B 172 4.18 -9.09 3.32
C ILE B 172 4.28 -7.70 2.70
N ASN B 173 4.42 -7.63 1.38
CA ASN B 173 4.56 -6.32 0.74
C ASN B 173 4.00 -6.46 -0.67
N PHE B 174 2.87 -5.80 -0.92
CA PHE B 174 2.09 -6.03 -2.14
C PHE B 174 2.78 -5.50 -3.39
N LYS B 175 3.76 -4.62 -3.23
CA LYS B 175 4.52 -4.05 -4.37
C LYS B 175 5.97 -4.50 -4.23
N SER B 176 6.19 -5.80 -4.42
CA SER B 176 7.51 -6.38 -4.21
C SER B 176 7.69 -7.48 -5.24
N ARG B 177 8.95 -7.77 -5.56
CA ARG B 177 9.15 -8.82 -6.54
C ARG B 177 8.59 -10.15 -6.03
N GLU B 178 8.61 -10.42 -4.73
CA GLU B 178 8.01 -11.69 -4.28
C GLU B 178 6.52 -11.72 -4.60
N ALA B 179 5.86 -10.58 -4.62
CA ALA B 179 4.41 -10.55 -4.76
C ALA B 179 3.95 -10.56 -6.20
N ILE B 180 4.86 -10.28 -7.13
CA ILE B 180 4.52 -9.90 -8.49
C ILE B 180 5.39 -10.72 -9.42
N ARG B 181 4.78 -11.63 -10.16
CA ARG B 181 5.49 -12.44 -11.14
C ARG B 181 5.83 -11.57 -12.36
N PRO B 182 7.10 -11.51 -12.77
CA PRO B 182 7.43 -10.86 -14.04
C PRO B 182 6.47 -11.29 -15.14
N GLY B 183 5.87 -10.31 -15.81
CA GLY B 183 4.91 -10.59 -16.87
C GLY B 183 3.48 -10.80 -16.42
N HIS B 184 3.23 -10.92 -15.11
CA HIS B 184 1.88 -10.96 -14.56
C HIS B 184 1.62 -9.74 -13.68
N GLU B 185 2.27 -8.62 -13.98
CA GLU B 185 2.22 -7.45 -13.11
C GLU B 185 0.79 -7.04 -12.77
N MET B 186 0.00 -6.71 -13.78
CA MET B 186 -1.38 -6.32 -13.52
C MET B 186 -2.16 -7.47 -12.88
N GLU B 187 -1.96 -8.69 -13.37
CA GLU B 187 -2.79 -9.77 -12.87
C GLU B 187 -2.53 -10.00 -11.39
N ASP B 188 -1.24 -10.05 -11.01
CA ASP B 188 -0.89 -10.37 -9.63
C ASP B 188 -1.18 -9.21 -8.70
N PHE B 189 -1.15 -7.97 -9.19
CA PHE B 189 -1.39 -6.84 -8.29
C PHE B 189 -2.87 -6.70 -7.99
N LEU B 190 -3.74 -7.00 -8.96
CA LEU B 190 -5.17 -6.84 -8.72
C LEU B 190 -5.82 -8.08 -8.13
N ASP B 191 -5.20 -9.26 -8.27
CA ASP B 191 -5.68 -10.53 -7.74
C ASP B 191 -4.48 -11.19 -7.07
N LYS B 192 -4.44 -11.15 -5.75
CA LYS B 192 -3.23 -11.60 -5.08
C LYS B 192 -3.19 -13.09 -4.83
N SER B 193 -4.01 -13.88 -5.53
CA SER B 193 -4.13 -15.31 -5.22
C SER B 193 -2.78 -16.04 -5.34
N TYR B 194 -1.95 -15.69 -6.33
N TYR B 194 -2.00 -15.71 -6.38
N TYR B 194 -1.97 -15.70 -6.35
CA TYR B 194 -0.67 -16.40 -6.46
CA TYR B 194 -0.65 -16.26 -6.53
CA TYR B 194 -0.67 -16.34 -6.49
C TYR B 194 0.27 -16.06 -5.30
C TYR B 194 0.16 -16.07 -5.27
C TYR B 194 0.20 -16.07 -5.26
N TYR B 195 0.22 -14.81 -4.81
CA TYR B 195 1.01 -14.46 -3.64
C TYR B 195 0.49 -15.17 -2.39
N LEU B 196 -0.82 -15.26 -2.23
CA LEU B 196 -1.39 -15.92 -1.05
C LEU B 196 -1.13 -17.42 -1.08
N ASN B 197 -1.52 -18.08 -2.17
CA ASN B 197 -1.60 -19.53 -2.20
C ASN B 197 -0.25 -20.18 -2.50
N THR B 198 0.51 -19.63 -3.43
CA THR B 198 1.79 -20.21 -3.82
C THR B 198 2.94 -19.69 -2.97
N VAL B 199 3.12 -18.36 -2.93
CA VAL B 199 4.25 -17.81 -2.22
C VAL B 199 4.11 -18.03 -0.73
N MET B 200 2.97 -17.65 -0.16
CA MET B 200 2.88 -17.61 1.30
C MET B 200 2.39 -18.94 1.87
N LEU B 201 1.25 -19.43 1.39
CA LEU B 201 0.68 -20.64 1.98
C LEU B 201 1.52 -21.88 1.64
N GLN B 202 1.75 -22.13 0.35
N GLN B 202 1.75 -22.14 0.35
CA GLN B 202 2.54 -23.30 -0.04
CA GLN B 202 2.54 -23.31 -0.02
C GLN B 202 4.01 -23.12 0.32
C GLN B 202 4.02 -23.11 0.33
N GLY B 203 4.59 -21.96 -0.01
CA GLY B 203 6.00 -21.72 0.21
C GLY B 203 6.44 -21.46 1.65
N ILE B 204 5.82 -20.49 2.31
CA ILE B 204 6.35 -19.95 3.57
C ILE B 204 5.62 -20.54 4.78
N PHE B 205 4.30 -20.47 4.81
CA PHE B 205 3.57 -20.94 5.99
C PHE B 205 3.34 -22.45 5.99
N LYS B 206 3.36 -23.06 4.81
CA LYS B 206 3.14 -24.50 4.61
C LYS B 206 1.65 -24.86 4.65
N ASN B 207 0.87 -24.24 5.54
CA ASN B 207 -0.56 -24.50 5.63
C ASN B 207 -1.27 -23.28 6.19
N SER B 208 -2.60 -23.30 6.10
CA SER B 208 -3.37 -22.15 6.56
C SER B 208 -3.42 -22.03 8.07
N SER B 209 -3.20 -23.13 8.79
CA SER B 209 -3.19 -23.04 10.26
C SER B 209 -2.03 -22.18 10.75
N ASN B 210 -0.83 -22.33 10.17
CA ASN B 210 0.28 -21.48 10.55
C ASN B 210 0.02 -20.01 10.17
N TYR B 211 -0.59 -19.78 9.00
CA TYR B 211 -0.99 -18.44 8.59
C TYR B 211 -1.94 -17.82 9.61
N PHE B 212 -3.03 -18.54 9.93
CA PHE B 212 -3.97 -18.01 10.90
C PHE B 212 -3.35 -17.81 12.27
N GLY B 213 -2.41 -18.67 12.66
CA GLY B 213 -1.77 -18.52 13.97
C GLY B 213 -1.00 -17.21 14.06
N GLU B 214 -0.25 -16.88 13.00
CA GLU B 214 0.47 -15.61 12.99
C GLU B 214 -0.50 -14.45 12.94
N LEU B 215 -1.58 -14.55 12.16
CA LEU B 215 -2.58 -13.48 12.15
C LEU B 215 -3.18 -13.26 13.53
N GLN B 216 -3.51 -14.35 14.24
CA GLN B 216 -4.09 -14.23 15.56
C GLN B 216 -3.12 -13.64 16.56
N PHE B 217 -1.86 -14.09 16.53
CA PHE B 217 -0.84 -13.56 17.43
C PHE B 217 -0.59 -12.08 17.18
N ALA B 218 -0.58 -11.68 15.91
CA ALA B 218 -0.40 -10.27 15.60
C ALA B 218 -1.55 -9.44 16.17
N PHE B 219 -2.80 -9.88 15.99
CA PHE B 219 -3.92 -9.16 16.59
C PHE B 219 -3.76 -9.04 18.10
N LEU B 220 -3.37 -10.14 18.76
CA LEU B 220 -3.37 -10.13 20.22
C LEU B 220 -2.30 -9.15 20.76
N ASN B 221 -1.16 -9.09 20.08
CA ASN B 221 -0.11 -8.14 20.46
CA ASN B 221 -0.11 -8.14 20.45
C ASN B 221 -0.57 -6.71 20.21
N ALA B 222 -1.30 -6.49 19.10
CA ALA B 222 -1.87 -5.15 18.85
C ALA B 222 -2.84 -4.76 19.97
N MET B 223 -3.75 -5.67 20.34
CA MET B 223 -4.77 -5.35 21.34
C MET B 223 -4.17 -5.20 22.73
N PHE B 224 -3.33 -6.14 23.14
CA PHE B 224 -2.92 -6.10 24.53
C PHE B 224 -1.80 -5.12 24.77
N PHE B 225 -0.93 -4.87 23.81
CA PHE B 225 0.21 -3.99 24.06
C PHE B 225 0.17 -2.72 23.23
N GLY B 226 -0.88 -2.51 22.43
CA GLY B 226 -0.85 -1.39 21.50
C GLY B 226 0.34 -1.40 20.57
N ASN B 227 0.77 -2.58 20.16
CA ASN B 227 1.96 -2.71 19.32
C ASN B 227 1.59 -2.38 17.87
N TYR B 228 2.09 -1.22 17.39
CA TYR B 228 1.66 -0.72 16.08
C TYR B 228 2.09 -1.63 14.94
N GLY B 229 3.32 -2.15 14.97
CA GLY B 229 3.74 -3.05 13.89
C GLY B 229 2.96 -4.36 13.84
N SER B 230 2.48 -4.81 15.00
CA SER B 230 1.61 -5.98 15.01
C SER B 230 0.25 -5.67 14.37
N SER B 231 -0.29 -4.49 14.66
CA SER B 231 -1.53 -4.10 13.99
C SER B 231 -1.34 -4.04 12.47
N LEU B 232 -0.22 -3.46 12.01
CA LEU B 232 0.07 -3.46 10.58
C LEU B 232 0.04 -4.89 10.02
N GLN B 233 0.69 -5.82 10.73
CA GLN B 233 0.80 -7.19 10.26
C GLN B 233 -0.57 -7.86 10.18
N TRP B 234 -1.39 -7.72 11.24
CA TRP B 234 -2.76 -8.24 11.25
C TRP B 234 -3.54 -7.75 10.03
N HIS B 235 -3.51 -6.42 9.78
CA HIS B 235 -4.28 -5.93 8.65
C HIS B 235 -3.73 -6.43 7.32
N ALA B 236 -2.41 -6.53 7.19
CA ALA B 236 -1.83 -6.99 5.94
C ALA B 236 -2.25 -8.43 5.66
N MET B 237 -2.32 -9.24 6.71
CA MET B 237 -2.69 -10.64 6.48
C MET B 237 -4.16 -10.81 6.14
N ILE B 238 -5.02 -9.93 6.66
CA ILE B 238 -6.42 -9.91 6.27
C ILE B 238 -6.53 -9.49 4.82
N GLU B 239 -5.85 -8.40 4.48
CA GLU B 239 -5.96 -7.83 3.14
C GLU B 239 -5.47 -8.80 2.09
N LEU B 240 -4.39 -9.53 2.37
CA LEU B 240 -3.91 -10.51 1.39
C LEU B 240 -4.94 -11.58 1.05
N ILE B 241 -5.72 -12.05 2.04
CA ILE B 241 -6.78 -13.01 1.74
C ILE B 241 -7.95 -12.34 1.01
N CYS B 242 -8.37 -11.18 1.49
CA CYS B 242 -9.54 -10.55 0.90
C CYS B 242 -9.28 -10.15 -0.55
N SER B 243 -8.03 -9.77 -0.86
CA SER B 243 -7.62 -9.34 -2.20
C SER B 243 -7.26 -10.50 -3.13
N SER B 244 -7.51 -11.73 -2.71
CA SER B 244 -7.29 -12.91 -3.53
C SER B 244 -8.65 -13.40 -4.05
N ALA B 245 -8.77 -13.51 -5.38
CA ALA B 245 -10.00 -14.06 -5.96
C ALA B 245 -10.16 -15.52 -5.64
N THR B 246 -9.06 -16.24 -5.42
CA THR B 246 -9.11 -17.69 -5.28
C THR B 246 -8.58 -18.05 -3.90
N VAL B 247 -9.47 -18.40 -3.01
CA VAL B 247 -9.12 -18.77 -1.64
C VAL B 247 -9.90 -20.06 -1.31
N PRO B 248 -9.25 -21.07 -0.73
CA PRO B 248 -10.00 -22.27 -0.32
C PRO B 248 -11.20 -21.92 0.56
N LYS B 249 -12.30 -22.63 0.33
CA LYS B 249 -13.57 -22.26 0.96
C LYS B 249 -13.49 -22.39 2.47
N HIS B 250 -12.70 -23.35 2.95
CA HIS B 250 -12.58 -23.57 4.38
C HIS B 250 -11.80 -22.44 5.03
N MET B 251 -10.85 -21.85 4.29
CA MET B 251 -10.09 -20.73 4.81
C MET B 251 -10.97 -19.52 5.00
N LEU B 252 -11.86 -19.27 4.03
CA LEU B 252 -12.74 -18.10 4.16
C LEU B 252 -13.70 -18.26 5.32
N ASP B 253 -14.27 -19.44 5.45
CA ASP B 253 -15.17 -19.67 6.57
C ASP B 253 -14.44 -19.55 7.89
N LYS B 254 -13.19 -20.01 7.97
CA LYS B 254 -12.48 -19.89 9.25
C LYS B 254 -12.07 -18.44 9.49
N LEU B 255 -11.62 -17.74 8.45
CA LEU B 255 -11.28 -16.33 8.61
C LEU B 255 -12.45 -15.55 9.20
N ASP B 256 -13.66 -15.77 8.65
CA ASP B 256 -14.82 -15.04 9.15
C ASP B 256 -15.01 -15.26 10.65
N GLU B 257 -14.81 -16.49 11.11
CA GLU B 257 -14.93 -16.81 12.53
C GLU B 257 -13.82 -16.13 13.33
N ILE B 258 -12.59 -16.19 12.82
CA ILE B 258 -11.47 -15.58 13.52
C ILE B 258 -11.71 -14.10 13.76
N LEU B 259 -12.01 -13.39 12.67
CA LEU B 259 -12.17 -11.95 12.75
C LEU B 259 -13.35 -11.58 13.62
N TYR B 260 -14.43 -12.37 13.52
CA TYR B 260 -15.62 -12.08 14.31
C TYR B 260 -15.28 -12.00 15.79
N TYR B 261 -14.56 -13.00 16.30
CA TYR B 261 -14.22 -12.98 17.72
C TYR B 261 -13.18 -11.89 18.07
N GLN B 262 -12.34 -11.50 17.11
CA GLN B 262 -11.40 -10.41 17.38
C GLN B 262 -12.15 -9.10 17.52
N ILE B 263 -13.08 -8.84 16.58
CA ILE B 263 -13.89 -7.64 16.65
C ILE B 263 -14.79 -7.67 17.89
N LYS B 264 -15.32 -8.85 18.21
CA LYS B 264 -16.14 -8.95 19.41
C LYS B 264 -15.36 -8.56 20.66
N THR B 265 -14.09 -8.95 20.72
CA THR B 265 -13.33 -8.79 21.96
C THR B 265 -12.68 -7.42 22.06
N LEU B 266 -12.56 -6.71 20.93
CA LEU B 266 -11.85 -5.43 20.92
C LEU B 266 -12.53 -4.43 21.85
N PRO B 267 -11.78 -3.72 22.69
CA PRO B 267 -12.37 -2.61 23.44
C PRO B 267 -13.05 -1.60 22.52
N GLU B 268 -14.27 -1.22 22.89
CA GLU B 268 -15.04 -0.29 22.06
C GLU B 268 -14.30 1.04 21.90
N GLN B 269 -13.49 1.42 22.89
CA GLN B 269 -12.83 2.71 22.91
C GLN B 269 -11.44 2.68 22.27
N TYR B 270 -10.99 1.54 21.75
CA TYR B 270 -9.71 1.42 21.08
C TYR B 270 -9.86 1.23 19.58
N SER B 271 -11.10 1.16 19.09
CA SER B 271 -11.33 0.90 17.68
C SER B 271 -10.80 2.01 16.79
N ASP B 272 -10.61 3.21 17.35
CA ASP B 272 -10.12 4.33 16.54
C ASP B 272 -8.67 4.16 16.11
N ILE B 273 -7.85 3.49 16.92
CA ILE B 273 -6.43 3.33 16.63
C ILE B 273 -6.13 1.91 16.13
N LEU B 274 -6.89 0.92 16.57
CA LEU B 274 -6.61 -0.47 16.24
C LEU B 274 -7.23 -0.94 14.93
N LEU B 275 -8.10 -0.17 14.31
CA LEU B 275 -8.76 -0.60 13.08
C LEU B 275 -8.47 0.39 11.97
N ASN B 276 -7.96 -0.13 10.85
CA ASN B 276 -7.62 0.67 9.69
C ASN B 276 -8.84 0.80 8.78
N GLU B 277 -9.39 2.01 8.70
CA GLU B 277 -10.58 2.27 7.91
C GLU B 277 -10.45 1.74 6.49
N ARG B 278 -9.30 1.96 5.87
CA ARG B 278 -9.14 1.60 4.45
C ARG B 278 -9.19 0.09 4.26
N VAL B 279 -8.45 -0.65 5.09
CA VAL B 279 -8.44 -2.10 4.94
C VAL B 279 -9.85 -2.67 5.10
N TRP B 280 -10.58 -2.17 6.10
CA TRP B 280 -11.85 -2.82 6.44
C TRP B 280 -12.93 -2.50 5.41
N ASN B 281 -13.03 -1.25 4.99
CA ASN B 281 -13.97 -0.92 3.93
C ASN B 281 -13.64 -1.65 2.64
N ILE B 282 -12.35 -1.77 2.31
CA ILE B 282 -11.98 -2.54 1.12
C ILE B 282 -12.38 -3.99 1.29
N CYS B 283 -12.02 -4.58 2.43
CA CYS B 283 -12.25 -6.02 2.61
C CYS B 283 -13.73 -6.35 2.60
N LEU B 284 -14.55 -5.54 3.27
CA LEU B 284 -15.95 -5.87 3.46
C LEU B 284 -16.85 -5.44 2.28
N TYR B 285 -16.41 -4.47 1.49
CA TYR B 285 -17.29 -3.85 0.50
C TYR B 285 -16.75 -3.76 -0.93
N SER B 286 -15.43 -3.88 -1.14
CA SER B 286 -14.87 -3.79 -2.49
C SER B 286 -14.12 -5.04 -2.95
N SER B 287 -13.65 -5.89 -2.04
CA SER B 287 -12.71 -6.94 -2.40
C SER B 287 -13.44 -8.15 -2.98
N PHE B 288 -12.64 -9.08 -3.50
CA PHE B 288 -13.18 -10.33 -4.01
C PHE B 288 -14.03 -11.03 -2.97
N GLN B 289 -13.67 -10.91 -1.69
CA GLN B 289 -14.34 -11.62 -0.61
C GLN B 289 -15.35 -10.76 0.13
N LYS B 290 -15.77 -9.66 -0.49
CA LYS B 290 -16.75 -8.74 0.10
C LYS B 290 -18.02 -9.45 0.55
N ASN B 291 -18.33 -10.61 0.00
CA ASN B 291 -19.54 -11.34 0.30
C ASN B 291 -19.27 -12.63 1.03
N SER B 292 -18.07 -12.79 1.58
CA SER B 292 -17.64 -14.04 2.17
C SER B 292 -17.41 -13.94 3.66
N LEU B 293 -17.69 -12.80 4.29
CA LEU B 293 -17.38 -12.59 5.72
C LEU B 293 -18.65 -12.14 6.42
N HIS B 294 -19.67 -13.00 6.40
CA HIS B 294 -21.00 -12.60 6.87
C HIS B 294 -20.98 -12.26 8.34
N ASN B 295 -20.35 -13.10 9.15
CA ASN B 295 -20.38 -12.82 10.57
C ASN B 295 -19.56 -11.58 10.90
N THR B 296 -18.40 -11.43 10.26
CA THR B 296 -17.56 -10.28 10.52
C THR B 296 -18.24 -9.00 10.06
N GLU B 297 -18.87 -9.03 8.87
CA GLU B 297 -19.55 -7.82 8.37
C GLU B 297 -20.71 -7.45 9.29
N LYS B 298 -21.48 -8.44 9.78
CA LYS B 298 -22.59 -8.10 10.67
C LYS B 298 -22.12 -7.51 12.00
N ILE B 299 -21.06 -8.05 12.61
CA ILE B 299 -20.65 -7.45 13.88
C ILE B 299 -19.98 -6.08 13.65
N MET B 300 -19.21 -5.94 12.58
CA MET B 300 -18.61 -4.63 12.31
C MET B 300 -19.66 -3.56 12.09
N GLU B 301 -20.70 -3.86 11.31
CA GLU B 301 -21.75 -2.90 11.02
C GLU B 301 -22.58 -2.54 12.26
N ASN B 302 -22.74 -3.47 13.21
CA ASN B 302 -23.55 -3.17 14.40
C ASN B 302 -22.74 -2.56 15.53
N LYS B 303 -21.42 -2.68 15.49
CA LYS B 303 -20.58 -2.20 16.58
C LYS B 303 -19.69 -1.03 16.21
N TYR B 304 -19.25 -0.92 14.95
CA TYR B 304 -18.39 0.18 14.52
C TYR B 304 -18.89 0.80 13.22
N PRO B 305 -20.18 1.12 13.14
CA PRO B 305 -20.72 1.67 11.89
C PRO B 305 -20.07 2.99 11.50
N GLU B 306 -19.42 3.64 12.46
CA GLU B 306 -18.77 4.93 12.18
C GLU B 306 -17.58 4.73 11.24
N LEU B 307 -16.69 3.82 11.62
CA LEU B 307 -15.55 3.43 10.79
C LEU B 307 -15.96 3.23 9.33
N LEU B 308 -17.15 2.72 9.11
CA LEU B 308 -17.60 2.43 7.75
C LEU B 308 -18.60 3.48 7.28
N1 VTC C . 13.81 13.14 -35.69
C7 VTC C . 14.21 13.38 -34.42
C8 VTC C . 13.91 12.47 -33.40
O1 VTC C . 14.07 11.90 -31.05
C1 VTC C . 13.60 10.64 -28.78
C5 VTC C . 15.37 14.75 -32.88
C6 VTC C . 14.92 14.52 -34.16
C4 VTC C . 15.11 13.87 -31.85
C3 VTC C . 14.36 12.74 -32.14
C2 VTC C . 14.91 10.97 -30.70
O VTC C . 15.94 10.90 -31.13
N VTC C . 14.43 10.14 -29.76
C VTC C . 15.39 9.18 -29.20
N1 VTC D . 2.02 23.00 -34.95
C7 VTC D . 0.79 22.72 -35.39
C8 VTC D . 0.61 22.34 -36.74
O1 VTC D . -1.00 21.71 -38.36
C1 VTC D . 0.42 21.85 -40.96
C5 VTC D . -1.52 22.60 -34.96
C6 VTC D . -0.26 22.85 -34.52
C4 VTC D . -1.72 22.22 -36.27
C3 VTC D . -0.67 22.11 -37.11
C2 VTC D . -0.33 20.65 -38.86
O VTC D . 0.07 19.78 -38.12
N VTC D . -0.18 20.71 -40.26
C VTC D . -0.37 19.50 -41.07
#